data_4WW9
#
_entry.id   4WW9
#
_cell.length_a   113.010
_cell.length_b   113.010
_cell.length_c   86.350
_cell.angle_alpha   90.00
_cell.angle_beta   90.00
_cell.angle_gamma   90.00
#
_symmetry.space_group_name_H-M   'I 41'
#
loop_
_entity.id
_entity.type
_entity.pdbx_description
1 polymer 'EKC/KEOPS complex subunit BUD32'
2 polymer 'EKC/KEOPS complex subunit CGI121'
3 non-polymer 'MAGNESIUM ION'
4 non-polymer "ADENOSINE-5'-DIPHOSPHATE"
5 non-polymer 'SULFATE ION'
6 non-polymer 'ACETATE ION'
7 water water
#
loop_
_entity_poly.entity_id
_entity_poly.type
_entity_poly.pdbx_seq_one_letter_code
_entity_poly.pdbx_strand_id
1 'polypeptide(L)'
;MTQEFIDKVSSYLTPDVDIAPISQGAEAIVFTTTTHPYLPRAKDSHQKYIIKYRPPKRYRHPQIDQALTKHRTLNESRLL
AKLYLIPGLCVPQLIACDPYNGFIWLEFLGEDLPGGHGFSNLKNFLWMHDQDPYSDLVATTLRKVGRQIGLLHWNDYCHG
DLTSSNIVLVRDGARWTPHLIDFGLGSVSNLVEDKGVDLYVLERAILSTHSKHAEKYNAWIMEGFEEVYREQGAKGAKKL
KEVTKRFEEVRLRGRKRSMLG
;
A
2 'polypeptide(L)'
;MVVSIIPQFPDIKVSLALFEQVKNAKEIRSKMSELSTSFAFIDPRLVCSGEQMYSAIYKTLIEVKYNKMRTRNLNSECVL
CLSPTSNISDAFLKFGIKDDSSQLICLKFHTNTDDVDKEQLRTIMTSIVKGQEIEFNDDNLSRFYDEALIRKIYKLSDDF
KPQDVNGLSRALVDAIQLRGVHHHHHH
;
B
#
# COMPACT_ATOMS: atom_id res chain seq x y z
N GLU A 4 2.58 25.85 11.23
CA GLU A 4 2.30 26.31 9.87
C GLU A 4 1.89 25.14 9.00
N PHE A 5 2.87 24.36 8.57
CA PHE A 5 2.59 23.07 7.94
C PHE A 5 2.16 22.11 9.03
N ILE A 6 2.81 22.19 10.19
CA ILE A 6 2.44 21.35 11.31
C ILE A 6 1.03 21.67 11.78
N ASP A 7 0.68 22.96 11.76
CA ASP A 7 -0.67 23.41 12.12
C ASP A 7 -1.73 22.79 11.22
N LYS A 8 -1.56 22.95 9.91
CA LYS A 8 -2.53 22.46 8.95
C LYS A 8 -2.66 20.93 9.01
N VAL A 9 -1.54 20.24 9.14
CA VAL A 9 -1.54 18.79 9.19
C VAL A 9 -2.24 18.26 10.44
N SER A 10 -1.89 18.79 11.61
CA SER A 10 -2.53 18.33 12.85
C SER A 10 -4.02 18.66 12.88
N SER A 11 -4.40 19.74 12.22
CA SER A 11 -5.82 20.11 12.13
C SER A 11 -6.59 19.15 11.23
N TYR A 12 -5.98 18.82 10.10
CA TYR A 12 -6.56 17.85 9.16
C TYR A 12 -6.72 16.47 9.81
N LEU A 13 -5.68 16.02 10.52
CA LEU A 13 -5.71 14.70 11.15
C LEU A 13 -6.52 14.67 12.45
N THR A 14 -6.72 15.85 13.05
CA THR A 14 -7.27 15.99 14.40
C THR A 14 -6.31 15.48 15.47
N PRO A 15 -6.54 15.88 16.73
CA PRO A 15 -5.66 15.51 17.86
C PRO A 15 -5.65 14.00 18.12
N ASP A 16 -6.62 13.29 17.55
CA ASP A 16 -6.68 11.82 17.61
C ASP A 16 -5.42 11.12 17.07
N VAL A 17 -4.74 11.77 16.13
CA VAL A 17 -3.59 11.18 15.46
C VAL A 17 -2.27 11.84 15.89
N ASP A 18 -1.44 11.08 16.59
CA ASP A 18 -0.11 11.56 16.98
C ASP A 18 0.79 11.66 15.74
N ILE A 19 1.63 12.69 15.70
CA ILE A 19 2.57 12.82 14.59
C ILE A 19 3.94 13.29 15.07
N ALA A 20 4.97 12.82 14.39
CA ALA A 20 6.33 13.25 14.67
C ALA A 20 7.04 13.48 13.35
N PRO A 21 7.41 14.73 13.06
CA PRO A 21 8.08 15.04 11.79
C PRO A 21 9.42 14.33 11.71
N ILE A 22 9.75 13.76 10.55
CA ILE A 22 11.08 13.17 10.38
C ILE A 22 11.86 13.79 9.21
N SER A 23 11.16 14.49 8.32
CA SER A 23 11.82 15.13 7.19
C SER A 23 10.96 16.23 6.59
N GLN A 24 11.59 17.34 6.20
CA GLN A 24 10.86 18.49 5.66
C GLN A 24 11.46 18.98 4.36
N GLY A 25 10.71 19.83 3.65
CA GLY A 25 11.15 20.38 2.39
C GLY A 25 10.49 21.72 2.07
N ALA A 28 6.78 19.44 1.31
CA ALA A 28 6.68 17.98 1.30
C ALA A 28 7.27 17.37 2.58
N ILE A 29 6.44 17.30 3.62
CA ILE A 29 6.86 16.86 4.94
C ILE A 29 6.51 15.39 5.20
N VAL A 30 7.44 14.67 5.82
CA VAL A 30 7.20 13.27 6.17
C VAL A 30 7.12 13.11 7.68
N PHE A 31 6.05 12.49 8.16
CA PHE A 31 5.88 12.22 9.58
C PHE A 31 5.85 10.73 9.84
N THR A 32 6.08 10.36 11.10
CA THR A 32 5.65 9.04 11.58
C THR A 32 4.46 9.20 12.53
N THR A 33 3.68 8.14 12.66
CA THR A 33 2.54 8.11 13.55
C THR A 33 2.38 6.70 14.07
N THR A 34 1.85 6.54 15.28
CA THR A 34 1.57 5.20 15.79
C THR A 34 0.11 4.83 15.50
N THR A 35 -0.62 5.75 14.87
CA THR A 35 -2.05 5.59 14.64
C THR A 35 -2.35 5.10 13.22
N HIS A 36 -3.05 3.99 13.11
CA HIS A 36 -3.49 3.50 11.80
C HIS A 36 -4.63 4.37 11.30
N PRO A 37 -4.63 4.73 10.01
CA PRO A 37 -5.64 5.68 9.52
C PRO A 37 -7.07 5.16 9.53
N TYR A 38 -7.30 3.86 9.64
CA TYR A 38 -8.69 3.35 9.60
C TYR A 38 -8.99 2.03 10.34
N LEU A 39 -7.99 1.21 10.61
CA LEU A 39 -8.28 0.02 11.42
C LEU A 39 -8.55 0.45 12.85
N PRO A 40 -9.55 -0.17 13.49
CA PRO A 40 -9.82 0.15 14.90
C PRO A 40 -8.56 -0.01 15.75
N ARG A 41 -8.44 0.79 16.79
CA ARG A 41 -7.23 0.75 17.62
C ARG A 41 -6.98 -0.67 18.13
N ALA A 42 -5.72 -1.07 18.10
CA ALA A 42 -5.31 -2.41 18.53
C ALA A 42 -5.67 -3.51 17.55
N LYS A 43 -6.31 -3.15 16.44
CA LYS A 43 -6.66 -4.14 15.42
C LYS A 43 -5.68 -4.08 14.25
N ASP A 44 -4.74 -3.15 14.32
CA ASP A 44 -3.66 -3.10 13.33
C ASP A 44 -2.53 -4.02 13.75
N SER A 45 -1.44 -4.01 12.99
CA SER A 45 -0.39 -5.02 13.16
C SER A 45 1.02 -4.46 13.24
N HIS A 46 1.16 -3.14 13.29
CA HIS A 46 2.49 -2.52 13.29
C HIS A 46 2.56 -1.37 14.28
N GLN A 47 3.77 -1.12 14.78
CA GLN A 47 3.97 -0.09 15.79
C GLN A 47 3.79 1.31 15.21
N LYS A 48 4.26 1.52 13.99
CA LYS A 48 4.15 2.86 13.40
C LYS A 48 4.04 2.89 11.88
N TYR A 49 3.69 4.06 11.37
CA TYR A 49 3.42 4.26 9.96
C TYR A 49 4.02 5.58 9.51
N ILE A 50 4.08 5.75 8.20
CA ILE A 50 4.58 6.98 7.59
C ILE A 50 3.39 7.77 7.04
N ILE A 51 3.43 9.08 7.25
CA ILE A 51 2.51 9.97 6.57
C ILE A 51 3.34 10.93 5.73
N LYS A 52 3.10 10.93 4.41
CA LYS A 52 3.73 11.91 3.52
C LYS A 52 2.72 12.99 3.16
N TYR A 53 3.06 14.24 3.47
CA TYR A 53 2.19 15.36 3.15
C TYR A 53 2.83 16.25 2.09
N ARG A 54 2.08 16.56 1.04
CA ARG A 54 2.53 17.42 -0.04
C ARG A 54 1.37 18.30 -0.48
N PRO A 55 1.32 19.54 0.03
CA PRO A 55 0.25 20.51 -0.25
C PRO A 55 -0.30 20.40 -1.66
N ARG A 72 2.84 14.27 -7.81
CA ARG A 72 3.80 13.38 -7.15
C ARG A 72 3.11 12.47 -6.14
N THR A 73 2.11 13.01 -5.44
CA THR A 73 1.30 12.20 -4.53
C THR A 73 0.59 11.09 -5.31
N LEU A 74 -0.06 11.47 -6.40
CA LEU A 74 -0.79 10.51 -7.22
C LEU A 74 0.18 9.52 -7.87
N ASN A 75 1.28 10.06 -8.39
CA ASN A 75 2.30 9.26 -9.02
C ASN A 75 2.88 8.19 -8.10
N GLU A 76 3.32 8.59 -6.91
CA GLU A 76 3.95 7.63 -6.00
C GLU A 76 2.96 6.55 -5.57
N SER A 77 1.70 6.92 -5.37
CA SER A 77 0.68 5.96 -4.94
C SER A 77 0.40 4.91 -6.02
N ARG A 78 0.23 5.37 -7.25
CA ARG A 78 -0.06 4.47 -8.36
C ARG A 78 1.08 3.48 -8.58
N LEU A 79 2.31 3.97 -8.49
CA LEU A 79 3.49 3.13 -8.69
C LEU A 79 3.69 2.12 -7.56
N LEU A 80 3.55 2.55 -6.32
CA LEU A 80 3.61 1.61 -5.20
C LEU A 80 2.63 0.45 -5.41
N ALA A 81 1.43 0.77 -5.87
CA ALA A 81 0.39 -0.25 -6.06
C ALA A 81 0.78 -1.22 -7.16
N LYS A 82 1.30 -0.68 -8.26
CA LYS A 82 1.70 -1.50 -9.40
C LYS A 82 2.87 -2.40 -9.05
N LEU A 83 3.87 -1.84 -8.36
CA LEU A 83 5.07 -2.61 -8.05
C LEU A 83 4.82 -3.73 -7.05
N TYR A 84 3.90 -3.54 -6.12
CA TYR A 84 3.60 -4.59 -5.16
C TYR A 84 3.16 -5.89 -5.84
N LEU A 85 2.44 -5.76 -6.94
CA LEU A 85 1.89 -6.93 -7.63
C LEU A 85 2.96 -7.73 -8.38
N ILE A 86 4.15 -7.13 -8.57
CA ILE A 86 5.25 -7.80 -9.26
C ILE A 86 6.04 -8.73 -8.34
N PRO A 87 6.08 -10.03 -8.68
CA PRO A 87 6.73 -10.98 -7.78
C PRO A 87 8.19 -10.61 -7.50
N GLY A 88 8.56 -10.58 -6.22
CA GLY A 88 9.93 -10.28 -5.83
C GLY A 88 10.27 -8.83 -5.54
N LEU A 89 9.44 -7.89 -6.00
CA LEU A 89 9.73 -6.48 -5.80
C LEU A 89 9.31 -6.07 -4.38
N CYS A 90 10.21 -5.40 -3.65
CA CYS A 90 9.98 -5.07 -2.25
C CYS A 90 9.79 -3.57 -2.05
N VAL A 91 8.54 -3.15 -1.82
CA VAL A 91 8.21 -1.75 -1.64
C VAL A 91 7.25 -1.57 -0.45
N PRO A 92 7.15 -0.36 0.09
CA PRO A 92 6.24 -0.15 1.24
C PRO A 92 4.78 -0.29 0.83
N GLN A 93 3.96 -0.80 1.74
CA GLN A 93 2.53 -0.89 1.49
C GLN A 93 1.91 0.51 1.40
N LEU A 94 1.06 0.72 0.39
CA LEU A 94 0.21 1.90 0.33
C LEU A 94 -1.01 1.64 1.21
N ILE A 95 -1.10 2.35 2.33
CA ILE A 95 -2.18 2.11 3.29
C ILE A 95 -3.40 2.98 3.03
N ALA A 96 -3.18 4.25 2.69
CA ALA A 96 -4.28 5.18 2.51
C ALA A 96 -3.84 6.33 1.62
N CYS A 97 -4.78 6.85 0.85
CA CYS A 97 -4.49 7.95 -0.04
C CYS A 97 -5.61 8.99 -0.05
N ASP A 98 -5.26 10.24 0.25
CA ASP A 98 -6.17 11.37 0.09
C ASP A 98 -5.54 12.30 -0.94
N PRO A 99 -5.89 12.11 -2.22
CA PRO A 99 -5.27 12.90 -3.29
C PRO A 99 -5.79 14.32 -3.31
N TYR A 100 -6.90 14.57 -2.62
CA TYR A 100 -7.51 15.90 -2.60
C TYR A 100 -6.73 16.85 -1.70
N ASN A 101 -6.11 16.31 -0.66
CA ASN A 101 -5.36 17.13 0.28
C ASN A 101 -3.87 16.85 0.25
N GLY A 102 -3.48 15.79 -0.46
CA GLY A 102 -2.07 15.48 -0.65
C GLY A 102 -1.44 14.63 0.42
N PHE A 103 -2.21 13.69 0.98
CA PHE A 103 -1.69 12.79 2.00
C PHE A 103 -1.60 11.35 1.49
N ILE A 104 -0.48 10.70 1.74
CA ILE A 104 -0.43 9.25 1.61
C ILE A 104 0.15 8.62 2.88
N TRP A 105 -0.46 7.53 3.32
CA TRP A 105 0.01 6.81 4.49
C TRP A 105 0.68 5.53 4.00
N LEU A 106 1.87 5.26 4.53
CA LEU A 106 2.67 4.13 4.09
C LEU A 106 3.13 3.27 5.25
N GLU A 107 3.41 2.02 4.95
CA GLU A 107 4.08 1.13 5.88
C GLU A 107 5.43 1.73 6.24
N PHE A 108 5.79 1.68 7.51
CA PHE A 108 7.12 2.10 7.95
C PHE A 108 8.11 0.96 7.76
N LEU A 109 9.14 1.19 6.95
CA LEU A 109 10.15 0.18 6.68
C LEU A 109 11.46 0.50 7.38
N GLY A 110 12.12 -0.52 7.92
CA GLY A 110 13.45 -0.34 8.46
C GLY A 110 13.45 -0.09 9.95
N GLU A 111 14.60 0.24 10.49
CA GLU A 111 14.75 0.39 11.93
C GLU A 111 16.08 1.08 12.24
N ASP A 112 16.31 1.35 13.51
CA ASP A 112 17.58 1.94 13.90
C ASP A 112 18.66 0.86 13.97
N LEU A 113 19.78 1.12 13.31
CA LEU A 113 20.90 0.21 13.35
C LEU A 113 21.45 0.21 14.76
N PRO A 114 22.05 -0.91 15.19
CA PRO A 114 22.58 -0.92 16.56
C PRO A 114 23.72 0.08 16.70
N GLY A 115 23.99 0.54 17.92
CA GLY A 115 25.12 1.40 18.19
C GLY A 115 25.04 2.79 17.58
N GLY A 116 23.82 3.31 17.46
CA GLY A 116 23.62 4.67 16.98
C GLY A 116 24.11 4.92 15.56
N HIS A 117 24.21 3.85 14.78
CA HIS A 117 24.67 4.01 13.40
C HIS A 117 23.55 4.55 12.49
N GLY A 118 22.36 4.70 13.05
CA GLY A 118 21.29 5.42 12.36
C GLY A 118 20.23 4.54 11.70
N PHE A 119 19.28 5.20 11.05
CA PHE A 119 18.19 4.53 10.33
C PHE A 119 18.78 3.60 9.28
N SER A 120 18.18 2.43 9.12
CA SER A 120 18.75 1.37 8.31
C SER A 120 18.58 1.52 6.78
N ASN A 121 18.85 2.72 6.26
CA ASN A 121 18.95 2.85 4.80
C ASN A 121 20.31 2.34 4.34
N LEU A 122 20.48 2.19 3.03
CA LEU A 122 21.71 1.61 2.48
C LEU A 122 22.92 2.48 2.82
N LYS A 123 22.76 3.79 2.69
CA LYS A 123 23.82 4.74 3.05
C LYS A 123 24.39 4.48 4.46
N ASN A 124 23.51 4.41 5.45
CA ASN A 124 23.94 4.20 6.83
C ASN A 124 24.52 2.82 7.08
N PHE A 125 23.95 1.82 6.43
CA PHE A 125 24.46 0.45 6.51
C PHE A 125 25.90 0.42 6.00
N LEU A 126 26.12 1.04 4.84
CA LEU A 126 27.45 1.07 4.23
C LEU A 126 28.48 1.80 5.10
N TRP A 127 28.09 2.93 5.67
CA TRP A 127 28.99 3.67 6.53
C TRP A 127 29.39 2.83 7.75
N MET A 128 28.41 2.15 8.32
CA MET A 128 28.61 1.31 9.49
C MET A 128 29.60 0.17 9.23
N HIS A 129 29.57 -0.38 8.03
CA HIS A 129 30.46 -1.49 7.69
C HIS A 129 31.69 -1.06 6.88
N ASP A 130 31.87 0.24 6.70
CA ASP A 130 32.89 0.73 5.77
C ASP A 130 34.34 0.35 6.12
N GLN A 131 34.64 0.12 7.39
CA GLN A 131 35.99 -0.28 7.79
C GLN A 131 36.28 -1.75 7.56
N ASP A 132 35.23 -2.56 7.44
CA ASP A 132 35.40 -3.99 7.23
C ASP A 132 34.23 -4.59 6.45
N PRO A 133 34.12 -4.23 5.16
CA PRO A 133 32.98 -4.57 4.31
C PRO A 133 33.06 -5.95 3.65
N TYR A 134 34.20 -6.62 3.76
CA TYR A 134 34.38 -7.90 3.08
C TYR A 134 33.81 -9.08 3.86
N SER A 135 32.48 -9.13 3.92
CA SER A 135 31.77 -10.17 4.63
C SER A 135 30.63 -10.67 3.76
N ASP A 136 30.15 -11.88 4.05
CA ASP A 136 29.01 -12.44 3.34
C ASP A 136 27.80 -11.51 3.49
N LEU A 137 27.63 -10.97 4.68
CA LEU A 137 26.50 -10.09 4.96
C LEU A 137 26.45 -8.90 4.03
N VAL A 138 27.57 -8.19 3.92
CA VAL A 138 27.62 -6.98 3.10
C VAL A 138 27.44 -7.28 1.61
N ALA A 139 28.24 -8.23 1.11
CA ALA A 139 28.18 -8.63 -0.30
C ALA A 139 26.78 -9.13 -0.69
N THR A 140 26.23 -10.04 0.12
CA THR A 140 24.91 -10.59 -0.15
C THR A 140 23.82 -9.53 -0.12
N THR A 141 23.91 -8.63 0.86
CA THR A 141 22.95 -7.53 0.97
C THR A 141 22.99 -6.62 -0.25
N LEU A 142 24.19 -6.27 -0.71
CA LEU A 142 24.33 -5.38 -1.85
C LEU A 142 23.87 -6.06 -3.14
N ARG A 143 24.18 -7.34 -3.30
CA ARG A 143 23.64 -8.07 -4.44
C ARG A 143 22.11 -8.03 -4.44
N LYS A 144 21.51 -8.14 -3.26
CA LYS A 144 20.05 -8.06 -3.15
C LYS A 144 19.52 -6.68 -3.54
N VAL A 145 20.29 -5.64 -3.26
CA VAL A 145 19.94 -4.30 -3.72
C VAL A 145 19.88 -4.26 -5.24
N GLY A 146 20.87 -4.87 -5.89
CA GLY A 146 20.92 -4.88 -7.35
C GLY A 146 19.77 -5.68 -7.94
N ARG A 147 19.35 -6.73 -7.23
CA ARG A 147 18.22 -7.55 -7.67
C ARG A 147 16.94 -6.72 -7.74
N GLN A 148 16.75 -5.87 -6.74
CA GLN A 148 15.57 -5.02 -6.71
C GLN A 148 15.53 -4.07 -7.90
N ILE A 149 16.67 -3.45 -8.20
CA ILE A 149 16.75 -2.54 -9.33
C ILE A 149 16.61 -3.32 -10.64
N GLY A 150 17.18 -4.52 -10.69
CA GLY A 150 17.04 -5.38 -11.86
C GLY A 150 15.59 -5.73 -12.13
N LEU A 151 14.87 -6.13 -11.07
CA LEU A 151 13.45 -6.43 -11.20
C LEU A 151 12.67 -5.23 -11.68
N LEU A 152 12.99 -4.06 -11.11
CA LEU A 152 12.34 -2.81 -11.48
C LEU A 152 12.53 -2.51 -12.96
N HIS A 153 13.77 -2.60 -13.42
CA HIS A 153 14.07 -2.27 -14.81
C HIS A 153 13.60 -3.35 -15.78
N TRP A 154 13.71 -4.61 -15.38
CA TRP A 154 13.24 -5.70 -16.23
C TRP A 154 11.76 -5.48 -16.55
N ASN A 155 11.03 -4.95 -15.58
CA ASN A 155 9.60 -4.73 -15.70
C ASN A 155 9.23 -3.36 -16.25
N ASP A 156 10.25 -2.65 -16.74
CA ASP A 156 10.06 -1.38 -17.43
C ASP A 156 9.56 -0.24 -16.55
N TYR A 157 10.04 -0.20 -15.31
CA TYR A 157 9.80 0.94 -14.44
C TYR A 157 11.12 1.62 -14.13
N CYS A 158 11.06 2.92 -13.87
CA CYS A 158 12.24 3.66 -13.41
C CYS A 158 11.94 4.32 -12.08
N HIS A 159 12.96 4.41 -11.23
CA HIS A 159 12.79 4.98 -9.89
C HIS A 159 12.79 6.50 -9.91
N GLY A 160 13.81 7.09 -10.55
CA GLY A 160 13.87 8.52 -10.76
C GLY A 160 14.70 9.29 -9.75
N ASP A 161 15.07 8.64 -8.66
CA ASP A 161 15.88 9.28 -7.62
C ASP A 161 16.56 8.19 -6.81
N LEU A 162 17.25 7.30 -7.51
CA LEU A 162 17.83 6.11 -6.91
C LEU A 162 19.12 6.41 -6.15
N THR A 163 18.98 7.05 -4.98
CA THR A 163 20.10 7.30 -4.10
C THR A 163 20.18 6.23 -3.03
N SER A 164 21.27 6.21 -2.28
CA SER A 164 21.45 5.23 -1.22
C SER A 164 20.53 5.49 -0.04
N SER A 165 19.88 6.66 -0.04
CA SER A 165 18.90 7.00 1.00
C SER A 165 17.50 6.48 0.66
N ASN A 166 17.29 6.15 -0.62
CA ASN A 166 15.98 5.68 -1.06
C ASN A 166 15.90 4.16 -1.17
N ILE A 167 16.89 3.52 -0.57
CA ILE A 167 16.94 2.07 -0.47
C ILE A 167 16.97 1.74 1.02
N VAL A 168 15.95 1.04 1.49
CA VAL A 168 15.82 0.76 2.92
C VAL A 168 15.96 -0.72 3.22
N LEU A 169 16.82 -1.03 4.19
CA LEU A 169 17.04 -2.40 4.61
C LEU A 169 16.07 -2.79 5.72
N VAL A 170 15.36 -3.89 5.51
CA VAL A 170 14.45 -4.44 6.51
C VAL A 170 15.07 -5.68 7.13
N ARG A 171 15.16 -5.72 8.45
CA ARG A 171 15.83 -6.83 9.11
C ARG A 171 15.05 -8.14 8.91
N ASP A 172 15.78 -9.19 8.62
CA ASP A 172 15.22 -10.52 8.45
C ASP A 172 16.15 -11.48 9.17
N GLY A 173 16.01 -11.57 10.48
CA GLY A 173 16.93 -12.33 11.30
C GLY A 173 18.31 -11.70 11.27
N ALA A 174 19.29 -12.45 10.80
CA ALA A 174 20.65 -11.92 10.67
C ALA A 174 20.88 -11.39 9.26
N ARG A 175 19.85 -11.45 8.43
CA ARG A 175 19.93 -10.94 7.06
C ARG A 175 19.25 -9.59 6.94
N TRP A 176 19.45 -8.93 5.80
CA TRP A 176 18.76 -7.68 5.49
C TRP A 176 18.02 -7.83 4.17
N THR A 177 16.81 -7.29 4.10
CA THR A 177 16.02 -7.36 2.88
C THR A 177 15.78 -5.96 2.30
N PRO A 178 16.51 -5.62 1.23
CA PRO A 178 16.37 -4.30 0.60
C PRO A 178 14.97 -4.04 0.05
N HIS A 179 14.45 -2.85 0.36
CA HIS A 179 13.20 -2.34 -0.18
C HIS A 179 13.48 -1.01 -0.85
N LEU A 180 12.69 -0.67 -1.85
CA LEU A 180 12.81 0.62 -2.51
C LEU A 180 11.73 1.55 -1.99
N ILE A 181 12.08 2.80 -1.70
CA ILE A 181 11.11 3.78 -1.25
C ILE A 181 11.21 5.05 -2.09
N ASP A 182 10.27 5.96 -1.88
CA ASP A 182 10.27 7.29 -2.49
C ASP A 182 10.17 7.26 -4.00
N PHE A 183 8.96 6.95 -4.48
CA PHE A 183 8.71 6.85 -5.91
C PHE A 183 8.05 8.10 -6.49
N GLY A 184 8.21 9.23 -5.82
CA GLY A 184 7.66 10.49 -6.28
C GLY A 184 8.01 10.82 -7.73
N LEU A 185 9.23 10.48 -8.13
CA LEU A 185 9.71 10.77 -9.48
C LEU A 185 9.75 9.53 -10.36
N GLY A 186 9.11 8.46 -9.91
CA GLY A 186 9.10 7.21 -10.65
C GLY A 186 8.31 7.32 -11.95
N SER A 187 8.52 6.36 -12.84
CA SER A 187 7.78 6.35 -14.09
C SER A 187 7.73 4.96 -14.71
N VAL A 188 6.80 4.78 -15.64
CA VAL A 188 6.82 3.59 -16.48
C VAL A 188 7.69 3.95 -17.68
N SER A 189 8.58 3.05 -18.06
CA SER A 189 9.53 3.35 -19.12
C SER A 189 10.27 2.10 -19.58
N ASN A 190 10.29 1.89 -20.89
CA ASN A 190 11.05 0.79 -21.47
C ASN A 190 12.30 1.32 -22.16
N LEU A 191 12.62 2.57 -21.89
CA LEU A 191 13.79 3.22 -22.47
C LEU A 191 15.05 2.87 -21.71
N VAL A 192 16.05 2.35 -22.41
CA VAL A 192 17.31 1.99 -21.77
C VAL A 192 18.03 3.24 -21.27
N GLU A 193 17.69 4.39 -21.83
CA GLU A 193 18.29 5.65 -21.38
C GLU A 193 17.86 5.96 -19.94
N ASP A 194 16.58 5.76 -19.65
CA ASP A 194 16.08 5.94 -18.29
C ASP A 194 16.72 4.93 -17.34
N LYS A 195 16.85 3.69 -17.80
CA LYS A 195 17.45 2.64 -16.98
C LYS A 195 18.91 2.99 -16.65
N GLY A 196 19.66 3.41 -17.66
CA GLY A 196 21.05 3.79 -17.48
C GLY A 196 21.25 4.94 -16.51
N VAL A 197 20.37 5.94 -16.59
CA VAL A 197 20.46 7.08 -15.69
C VAL A 197 20.12 6.70 -14.23
N ASP A 198 19.13 5.83 -14.04
CA ASP A 198 18.84 5.28 -12.71
C ASP A 198 20.10 4.65 -12.11
N LEU A 199 20.74 3.76 -12.87
CA LEU A 199 21.93 3.07 -12.39
C LEU A 199 23.05 4.04 -12.10
N TYR A 200 23.16 5.06 -12.94
CA TYR A 200 24.24 6.04 -12.81
C TYR A 200 24.05 6.91 -11.58
N VAL A 201 22.81 7.29 -11.30
CA VAL A 201 22.51 8.05 -10.10
C VAL A 201 22.94 7.30 -8.83
N LEU A 202 22.59 6.01 -8.76
CA LEU A 202 23.03 5.20 -7.62
C LEU A 202 24.55 5.07 -7.57
N GLU A 203 25.14 4.72 -8.71
CA GLU A 203 26.61 4.61 -8.80
C GLU A 203 27.28 5.84 -8.22
N ARG A 204 26.86 7.02 -8.68
CA ARG A 204 27.47 8.27 -8.20
C ARG A 204 27.19 8.54 -6.72
N ALA A 205 26.00 8.18 -6.25
CA ALA A 205 25.66 8.37 -4.84
C ALA A 205 26.56 7.54 -3.95
N ILE A 206 26.81 6.31 -4.37
CA ILE A 206 27.69 5.41 -3.63
C ILE A 206 29.14 5.95 -3.68
N LEU A 207 29.56 6.41 -4.86
CA LEU A 207 30.90 6.96 -5.00
C LEU A 207 31.07 8.25 -4.18
N SER A 208 29.97 8.95 -3.96
CA SER A 208 29.97 10.24 -3.27
C SER A 208 30.56 10.20 -1.86
N THR A 209 30.55 9.03 -1.23
CA THR A 209 31.07 8.92 0.13
C THR A 209 32.60 9.01 0.14
N HIS A 210 33.20 8.83 -1.03
CA HIS A 210 34.66 8.82 -1.18
C HIS A 210 35.29 7.63 -0.46
N SER A 211 34.47 6.65 -0.08
CA SER A 211 35.00 5.43 0.54
C SER A 211 35.96 4.70 -0.40
N LYS A 212 37.01 4.12 0.17
CA LYS A 212 37.96 3.35 -0.59
C LYS A 212 37.30 2.09 -1.15
N HIS A 213 36.11 1.77 -0.64
CA HIS A 213 35.41 0.56 -1.03
C HIS A 213 34.22 0.81 -1.95
N ALA A 214 34.01 2.07 -2.32
CA ALA A 214 32.83 2.45 -3.09
C ALA A 214 32.70 1.68 -4.41
N GLU A 215 33.80 1.46 -5.10
CA GLU A 215 33.79 0.72 -6.36
C GLU A 215 33.35 -0.73 -6.16
N LYS A 216 33.79 -1.33 -5.06
CA LYS A 216 33.40 -2.70 -4.75
C LYS A 216 31.89 -2.79 -4.46
N TYR A 217 31.37 -1.82 -3.71
CA TYR A 217 29.94 -1.79 -3.42
C TYR A 217 29.15 -1.77 -4.72
N ASN A 218 29.55 -0.90 -5.63
CA ASN A 218 28.86 -0.80 -6.91
C ASN A 218 28.95 -2.09 -7.71
N ALA A 219 30.10 -2.76 -7.64
CA ALA A 219 30.28 -4.03 -8.34
C ALA A 219 29.34 -5.11 -7.79
N TRP A 220 29.18 -5.16 -6.48
CA TRP A 220 28.26 -6.14 -5.89
C TRP A 220 26.83 -5.84 -6.31
N ILE A 221 26.46 -4.56 -6.29
CA ILE A 221 25.12 -4.16 -6.75
C ILE A 221 24.89 -4.60 -8.19
N MET A 222 25.85 -4.34 -9.07
CA MET A 222 25.70 -4.70 -10.47
C MET A 222 25.62 -6.20 -10.69
N GLU A 223 26.32 -6.97 -9.86
CA GLU A 223 26.19 -8.43 -9.90
C GLU A 223 24.75 -8.87 -9.67
N GLY A 224 24.10 -8.24 -8.70
CA GLY A 224 22.71 -8.56 -8.40
C GLY A 224 21.80 -8.20 -9.56
N PHE A 225 22.02 -7.01 -10.11
CA PHE A 225 21.26 -6.52 -11.26
C PHE A 225 21.36 -7.49 -12.44
N GLU A 226 22.58 -7.90 -12.75
CA GLU A 226 22.83 -8.76 -13.90
C GLU A 226 22.20 -10.15 -13.73
N GLU A 227 22.26 -10.68 -12.53
CA GLU A 227 21.69 -11.99 -12.26
C GLU A 227 20.20 -12.04 -12.63
N VAL A 228 19.49 -10.95 -12.32
CA VAL A 228 18.06 -10.88 -12.63
C VAL A 228 17.82 -11.01 -14.13
N TYR A 229 18.64 -10.34 -14.92
CA TYR A 229 18.53 -10.39 -16.38
C TYR A 229 18.96 -11.75 -16.93
N ARG A 230 20.00 -12.34 -16.33
CA ARG A 230 20.50 -13.63 -16.80
C ARG A 230 19.56 -14.78 -16.47
N GLU A 231 18.63 -14.53 -15.56
CA GLU A 231 17.60 -15.52 -15.22
C GLU A 231 16.49 -15.54 -16.27
N GLN A 232 16.53 -14.60 -17.21
CA GLN A 232 15.49 -14.49 -18.23
C GLN A 232 15.96 -14.99 -19.59
N GLY A 233 16.74 -16.07 -19.58
CA GLY A 233 17.20 -16.70 -20.82
C GLY A 233 17.85 -15.76 -21.83
N ALA A 234 17.70 -16.09 -23.10
CA ALA A 234 18.36 -15.36 -24.18
C ALA A 234 17.86 -13.92 -24.29
N LYS A 235 16.56 -13.73 -24.07
CA LYS A 235 15.97 -12.40 -24.12
C LYS A 235 16.56 -11.50 -23.05
N GLY A 236 16.76 -12.07 -21.86
CA GLY A 236 17.36 -11.33 -20.76
C GLY A 236 18.78 -10.92 -21.09
N ALA A 237 19.56 -11.84 -21.65
CA ALA A 237 20.95 -11.57 -22.00
C ALA A 237 21.06 -10.45 -23.02
N LYS A 238 20.12 -10.38 -23.96
CA LYS A 238 20.13 -9.33 -24.96
C LYS A 238 19.79 -7.97 -24.34
N LYS A 239 18.73 -7.94 -23.54
CA LYS A 239 18.30 -6.72 -22.89
C LYS A 239 19.35 -6.21 -21.91
N LEU A 240 20.04 -7.14 -21.26
CA LEU A 240 21.12 -6.77 -20.34
C LEU A 240 22.27 -6.11 -21.09
N LYS A 241 22.63 -6.66 -22.24
CA LYS A 241 23.68 -6.06 -23.06
C LYS A 241 23.31 -4.64 -23.47
N GLU A 242 22.04 -4.45 -23.84
CA GLU A 242 21.54 -3.13 -24.22
C GLU A 242 21.68 -2.13 -23.07
N VAL A 243 21.21 -2.54 -21.89
CA VAL A 243 21.24 -1.68 -20.71
C VAL A 243 22.68 -1.35 -20.29
N THR A 244 23.54 -2.35 -20.29
CA THR A 244 24.91 -2.14 -19.85
C THR A 244 25.67 -1.24 -20.84
N LYS A 245 25.36 -1.37 -22.12
CA LYS A 245 25.98 -0.54 -23.14
C LYS A 245 25.62 0.93 -22.89
N ARG A 246 24.33 1.18 -22.68
CA ARG A 246 23.86 2.54 -22.43
C ARG A 246 24.44 3.08 -21.13
N PHE A 247 24.46 2.24 -20.10
CA PHE A 247 25.00 2.63 -18.81
C PHE A 247 26.44 3.15 -18.95
N GLU A 248 27.24 2.49 -19.77
CA GLU A 248 28.61 2.94 -19.99
C GLU A 248 28.66 4.26 -20.75
N GLU A 249 27.72 4.46 -21.68
CA GLU A 249 27.61 5.74 -22.39
C GLU A 249 27.25 6.85 -21.42
N VAL A 250 26.33 6.56 -20.50
CA VAL A 250 25.92 7.53 -19.51
C VAL A 250 27.09 7.91 -18.61
N ARG A 251 27.89 6.93 -18.24
CA ARG A 251 29.09 7.18 -17.43
C ARG A 251 30.03 8.11 -18.19
N LEU A 252 30.25 7.80 -19.46
CA LEU A 252 31.07 8.65 -20.33
C LEU A 252 30.52 10.08 -20.39
N ARG A 253 29.21 10.19 -20.61
CA ARG A 253 28.58 11.52 -20.75
C ARG A 253 28.38 12.22 -19.41
N GLY A 254 28.67 11.53 -18.31
CA GLY A 254 28.46 12.07 -16.98
C GLY A 254 29.64 12.85 -16.45
N ARG A 255 30.77 12.74 -17.12
CA ARG A 255 32.00 13.42 -16.69
C ARG A 255 32.46 14.44 -17.74
N LYS A 256 33.16 15.48 -17.29
CA LYS A 256 33.63 16.53 -18.18
C LYS A 256 34.40 15.96 -19.37
N ARG A 257 34.05 16.43 -20.56
CA ARG A 257 34.78 16.11 -21.77
C ARG A 257 34.92 17.41 -22.54
N SER A 258 36.07 17.61 -23.19
CA SER A 258 36.23 18.77 -24.06
C SER A 258 35.55 18.50 -25.39
N MET A 259 34.37 19.08 -25.57
CA MET A 259 33.55 18.79 -26.75
C MET A 259 34.08 19.49 -27.99
N MET B 1 -21.61 -7.64 16.70
CA MET B 1 -21.44 -6.50 15.82
C MET B 1 -20.30 -5.64 16.37
N VAL B 2 -19.69 -4.84 15.50
CA VAL B 2 -18.66 -3.89 15.93
C VAL B 2 -19.07 -2.46 15.61
N VAL B 3 -18.76 -1.55 16.51
CA VAL B 3 -18.99 -0.12 16.27
C VAL B 3 -17.63 0.55 16.27
N SER B 4 -17.33 1.27 15.18
CA SER B 4 -15.98 1.80 15.00
C SER B 4 -15.98 3.25 14.57
N ILE B 5 -14.82 3.88 14.68
CA ILE B 5 -14.61 5.24 14.20
C ILE B 5 -13.31 5.33 13.41
N ILE B 6 -13.31 6.16 12.36
CA ILE B 6 -12.09 6.51 11.64
C ILE B 6 -11.44 7.67 12.39
N PRO B 7 -10.15 7.56 12.74
CA PRO B 7 -9.53 8.56 13.62
C PRO B 7 -9.78 10.02 13.21
N GLN B 8 -9.67 10.35 11.93
CA GLN B 8 -9.80 11.75 11.57
C GLN B 8 -11.27 12.19 11.47
N PHE B 9 -12.18 11.26 11.73
CA PHE B 9 -13.61 11.55 11.69
C PHE B 9 -14.32 11.03 12.94
N PRO B 10 -14.01 11.63 14.11
CA PRO B 10 -14.48 11.13 15.42
C PRO B 10 -16.00 11.06 15.59
N ASP B 11 -16.74 11.91 14.90
CA ASP B 11 -18.19 12.01 15.12
C ASP B 11 -19.03 11.04 14.28
N ILE B 12 -18.38 10.34 13.37
CA ILE B 12 -19.09 9.38 12.53
C ILE B 12 -18.78 7.96 13.01
N LYS B 13 -19.78 7.26 13.51
CA LYS B 13 -19.59 5.87 13.92
C LYS B 13 -20.12 4.95 12.81
N VAL B 14 -19.48 3.80 12.64
CA VAL B 14 -19.95 2.82 11.68
C VAL B 14 -20.17 1.52 12.41
N SER B 15 -21.34 0.91 12.21
CA SER B 15 -21.60 -0.42 12.74
C SER B 15 -21.45 -1.44 11.62
N LEU B 16 -20.82 -2.57 11.96
CA LEU B 16 -20.64 -3.67 11.01
C LEU B 16 -21.08 -4.97 11.68
N ALA B 17 -21.88 -5.76 10.99
CA ALA B 17 -22.28 -7.06 11.50
C ALA B 17 -22.19 -8.11 10.40
N LEU B 18 -21.90 -9.34 10.79
CA LEU B 18 -21.73 -10.43 9.83
C LEU B 18 -22.76 -11.52 10.13
N PHE B 19 -23.47 -11.97 9.10
CA PHE B 19 -24.49 -13.03 9.26
C PHE B 19 -24.18 -14.21 8.35
N GLU B 20 -24.39 -15.43 8.87
CA GLU B 20 -24.31 -16.62 8.04
C GLU B 20 -25.66 -17.35 8.04
N GLN B 21 -25.77 -18.39 7.21
CA GLN B 21 -27.03 -19.12 7.08
C GLN B 21 -28.20 -18.17 6.84
N VAL B 22 -27.97 -17.19 5.96
CA VAL B 22 -29.02 -16.22 5.64
C VAL B 22 -30.05 -16.85 4.70
N LYS B 23 -31.33 -16.69 5.03
CA LYS B 23 -32.40 -17.37 4.31
C LYS B 23 -33.26 -16.46 3.43
N ASN B 24 -33.19 -15.16 3.65
CA ASN B 24 -34.12 -14.24 3.01
C ASN B 24 -33.47 -13.11 2.23
N ALA B 25 -32.33 -13.39 1.59
CA ALA B 25 -31.61 -12.37 0.84
C ALA B 25 -32.50 -11.78 -0.26
N LYS B 26 -33.20 -12.65 -0.97
CA LYS B 26 -34.10 -12.18 -2.03
C LYS B 26 -35.10 -11.18 -1.47
N GLU B 27 -35.70 -11.50 -0.33
CA GLU B 27 -36.65 -10.62 0.33
C GLU B 27 -36.00 -9.30 0.76
N ILE B 28 -34.81 -9.37 1.36
CA ILE B 28 -34.09 -8.16 1.74
C ILE B 28 -33.90 -7.24 0.53
N ARG B 29 -33.39 -7.78 -0.56
CA ARG B 29 -33.17 -7.00 -1.78
C ARG B 29 -34.46 -6.35 -2.30
N SER B 30 -35.57 -7.07 -2.21
CA SER B 30 -36.84 -6.57 -2.73
C SER B 30 -37.34 -5.37 -1.95
N LYS B 31 -37.00 -5.32 -0.65
CA LYS B 31 -37.49 -4.27 0.23
C LYS B 31 -36.47 -3.17 0.48
N MET B 32 -35.28 -3.32 -0.11
CA MET B 32 -34.16 -2.44 0.20
C MET B 32 -34.54 -0.97 0.20
N SER B 33 -35.08 -0.48 -0.92
CA SER B 33 -35.69 0.84 -0.93
C SER B 33 -37.03 0.73 -0.23
N GLU B 34 -37.18 1.43 0.89
CA GLU B 34 -38.40 1.40 1.70
C GLU B 34 -38.17 0.77 3.07
N LEU B 35 -36.91 0.54 3.41
CA LEU B 35 -36.54 0.11 4.75
C LEU B 35 -37.00 1.16 5.76
N SER B 38 -31.84 2.79 7.17
CA SER B 38 -30.91 2.64 6.05
C SER B 38 -29.68 1.81 6.43
N PHE B 39 -29.41 0.81 5.61
CA PHE B 39 -28.24 -0.05 5.78
C PHE B 39 -27.64 -0.31 4.41
N ALA B 40 -26.38 -0.71 4.36
CA ALA B 40 -25.85 -1.35 3.16
C ALA B 40 -25.74 -2.83 3.45
N PHE B 41 -26.11 -3.66 2.48
CA PHE B 41 -26.01 -5.10 2.62
C PHE B 41 -24.98 -5.62 1.62
N ILE B 42 -23.84 -6.05 2.15
CA ILE B 42 -22.66 -6.31 1.35
C ILE B 42 -22.39 -7.80 1.22
N ASP B 43 -21.95 -8.20 0.03
CA ASP B 43 -21.68 -9.60 -0.27
C ASP B 43 -20.27 -9.95 0.24
N PRO B 44 -20.20 -10.82 1.26
CA PRO B 44 -18.93 -11.15 1.90
C PRO B 44 -18.01 -11.95 0.99
N ARG B 45 -18.53 -12.49 -0.10
CA ARG B 45 -17.67 -13.21 -1.06
C ARG B 45 -16.60 -12.29 -1.63
N LEU B 46 -16.84 -10.98 -1.58
CA LEU B 46 -15.88 -10.01 -2.10
C LEU B 46 -15.06 -9.30 -1.01
N VAL B 47 -15.28 -9.66 0.25
CA VAL B 47 -14.57 -9.02 1.37
C VAL B 47 -13.72 -10.05 2.11
N CYS B 48 -12.40 -9.93 2.00
CA CYS B 48 -11.53 -10.94 2.60
C CYS B 48 -11.01 -10.54 3.98
N SER B 49 -11.17 -9.28 4.37
CA SER B 49 -10.61 -8.82 5.64
C SER B 49 -11.22 -7.53 6.16
N GLY B 50 -11.07 -7.32 7.46
CA GLY B 50 -11.42 -6.05 8.08
C GLY B 50 -10.64 -4.91 7.44
N GLU B 51 -9.36 -5.11 7.19
CA GLU B 51 -8.51 -4.08 6.61
C GLU B 51 -9.12 -3.54 5.31
N GLN B 52 -9.52 -4.45 4.43
CA GLN B 52 -10.18 -4.08 3.18
C GLN B 52 -11.43 -3.24 3.43
N MET B 53 -12.32 -3.72 4.30
CA MET B 53 -13.59 -3.04 4.58
C MET B 53 -13.36 -1.65 5.16
N TYR B 54 -12.49 -1.58 6.16
CA TYR B 54 -12.21 -0.30 6.80
C TYR B 54 -11.54 0.69 5.85
N SER B 55 -10.74 0.18 4.92
CA SER B 55 -10.11 1.05 3.93
C SER B 55 -11.15 1.70 3.02
N ALA B 56 -12.23 0.98 2.73
CA ALA B 56 -13.33 1.54 1.94
C ALA B 56 -14.12 2.58 2.74
N ILE B 57 -14.31 2.31 4.02
CA ILE B 57 -14.98 3.28 4.90
C ILE B 57 -14.17 4.57 4.96
N TYR B 58 -12.86 4.43 5.10
CA TYR B 58 -11.96 5.57 5.05
C TYR B 58 -12.13 6.34 3.74
N LYS B 59 -12.07 5.63 2.63
CA LYS B 59 -12.16 6.26 1.32
C LYS B 59 -13.51 6.98 1.17
N THR B 60 -14.58 6.36 1.68
CA THR B 60 -15.91 6.95 1.65
C THR B 60 -15.94 8.32 2.32
N LEU B 61 -15.40 8.39 3.53
CA LEU B 61 -15.43 9.64 4.28
C LEU B 61 -14.56 10.72 3.63
N ILE B 62 -13.39 10.32 3.12
CA ILE B 62 -12.52 11.24 2.39
C ILE B 62 -13.23 11.80 1.15
N GLU B 63 -13.86 10.91 0.39
CA GLU B 63 -14.54 11.33 -0.83
C GLU B 63 -15.64 12.33 -0.54
N VAL B 64 -16.47 12.02 0.46
CA VAL B 64 -17.63 12.84 0.75
C VAL B 64 -17.21 14.17 1.33
N LYS B 65 -16.21 14.16 2.21
CA LYS B 65 -15.75 15.40 2.82
C LYS B 65 -15.02 16.30 1.84
N TYR B 66 -14.10 15.74 1.06
CA TYR B 66 -13.19 16.56 0.28
C TYR B 66 -13.38 16.51 -1.24
N ASN B 67 -14.27 15.64 -1.72
CA ASN B 67 -14.56 15.60 -3.16
C ASN B 67 -16.06 15.75 -3.42
N LYS B 68 -16.68 14.69 -3.95
CA LYS B 68 -18.12 14.70 -4.19
C LYS B 68 -18.73 13.34 -3.86
N MET B 69 -19.89 13.36 -3.22
CA MET B 69 -20.67 12.15 -3.04
C MET B 69 -21.41 11.86 -4.35
N ARG B 70 -21.34 10.61 -4.81
CA ARG B 70 -21.98 10.22 -6.07
C ARG B 70 -23.36 9.63 -5.85
N THR B 71 -23.56 9.03 -4.68
CA THR B 71 -24.77 8.26 -4.41
C THR B 71 -25.65 8.90 -3.35
N ARG B 72 -26.66 8.16 -2.91
CA ARG B 72 -27.70 8.70 -2.03
C ARG B 72 -27.21 9.06 -0.64
N ASN B 73 -26.48 8.15 -0.01
CA ASN B 73 -25.97 8.38 1.34
C ASN B 73 -24.64 7.67 1.59
N LEU B 74 -24.10 7.81 2.79
CA LEU B 74 -22.82 7.19 3.13
C LEU B 74 -22.85 5.68 2.99
N ASN B 75 -23.97 5.04 3.31
CA ASN B 75 -24.06 3.59 3.22
C ASN B 75 -23.81 3.13 1.79
N SER B 76 -24.52 3.73 0.84
CA SER B 76 -24.35 3.35 -0.56
C SER B 76 -22.98 3.78 -1.09
N GLU B 77 -22.49 4.92 -0.62
CA GLU B 77 -21.20 5.43 -1.09
C GLU B 77 -20.09 4.44 -0.75
N CYS B 78 -20.21 3.78 0.41
CA CYS B 78 -19.20 2.83 0.85
C CYS B 78 -19.19 1.58 -0.02
N VAL B 79 -20.37 1.18 -0.50
CA VAL B 79 -20.45 0.03 -1.40
C VAL B 79 -19.71 0.37 -2.71
N LEU B 80 -19.92 1.58 -3.20
CA LEU B 80 -19.15 2.10 -4.33
C LEU B 80 -17.64 2.08 -4.06
N CYS B 81 -17.25 2.55 -2.89
CA CYS B 81 -15.82 2.67 -2.58
C CYS B 81 -15.12 1.33 -2.39
N LEU B 82 -15.90 0.29 -2.09
CA LEU B 82 -15.36 -1.06 -2.05
C LEU B 82 -14.88 -1.50 -3.42
N SER B 83 -15.53 -0.94 -4.44
CA SER B 83 -15.31 -1.31 -5.84
C SER B 83 -14.01 -0.76 -6.40
N PRO B 84 -13.44 -1.46 -7.38
CA PRO B 84 -12.28 -0.92 -8.11
C PRO B 84 -12.68 0.08 -9.21
N THR B 85 -13.97 0.16 -9.55
CA THR B 85 -14.39 1.02 -10.66
C THR B 85 -15.37 2.12 -10.24
N SER B 86 -15.65 3.02 -11.17
CA SER B 86 -16.44 4.21 -10.89
C SER B 86 -17.92 4.02 -11.19
N ASN B 87 -18.27 2.92 -11.84
CA ASN B 87 -19.67 2.72 -12.21
C ASN B 87 -20.47 2.30 -10.99
N ILE B 88 -21.42 3.15 -10.61
CA ILE B 88 -22.21 2.90 -9.41
C ILE B 88 -23.04 1.62 -9.47
N SER B 89 -23.72 1.39 -10.60
CA SER B 89 -24.57 0.22 -10.72
C SER B 89 -23.77 -1.06 -10.64
N ASP B 90 -22.61 -1.07 -11.29
CA ASP B 90 -21.74 -2.24 -11.29
C ASP B 90 -21.30 -2.55 -9.87
N ALA B 91 -20.93 -1.51 -9.13
CA ALA B 91 -20.52 -1.69 -7.75
C ALA B 91 -21.65 -2.26 -6.90
N PHE B 92 -22.84 -1.69 -7.01
CA PHE B 92 -23.98 -2.17 -6.24
C PHE B 92 -24.27 -3.64 -6.53
N LEU B 93 -24.14 -4.00 -7.81
CA LEU B 93 -24.45 -5.34 -8.26
C LEU B 93 -23.41 -6.34 -7.74
N LYS B 94 -22.13 -6.04 -7.97
CA LYS B 94 -21.07 -6.96 -7.62
C LYS B 94 -20.81 -7.05 -6.11
N PHE B 95 -20.91 -5.91 -5.42
CA PHE B 95 -20.61 -5.86 -3.99
C PHE B 95 -21.82 -5.94 -3.05
N GLY B 96 -23.00 -5.70 -3.58
CA GLY B 96 -24.24 -5.85 -2.84
C GLY B 96 -24.64 -7.31 -2.74
N ILE B 97 -25.51 -7.64 -1.79
CA ILE B 97 -25.96 -9.02 -1.65
C ILE B 97 -26.72 -9.44 -2.89
N LYS B 98 -26.83 -10.74 -3.08
CA LYS B 98 -27.56 -11.27 -4.21
C LYS B 98 -28.72 -12.11 -3.72
N ASP B 99 -29.65 -12.40 -4.62
CA ASP B 99 -30.81 -13.22 -4.28
C ASP B 99 -30.37 -14.54 -3.64
N ASP B 100 -29.18 -15.01 -4.01
CA ASP B 100 -28.70 -16.30 -3.52
C ASP B 100 -27.69 -16.20 -2.38
N SER B 101 -27.47 -15.00 -1.84
CA SER B 101 -26.49 -14.82 -0.77
C SER B 101 -26.87 -15.60 0.49
N SER B 102 -25.92 -16.38 0.99
CA SER B 102 -26.10 -17.14 2.22
C SER B 102 -25.35 -16.50 3.39
N GLN B 103 -24.57 -15.46 3.11
CA GLN B 103 -23.97 -14.62 4.15
C GLN B 103 -24.12 -13.15 3.75
N LEU B 104 -24.03 -12.25 4.72
CA LEU B 104 -24.03 -10.83 4.39
C LEU B 104 -23.34 -10.01 5.46
N ILE B 105 -22.81 -8.86 5.03
CA ILE B 105 -22.30 -7.88 5.97
C ILE B 105 -23.35 -6.78 6.02
N CYS B 106 -23.76 -6.40 7.23
CA CYS B 106 -24.73 -5.32 7.39
C CYS B 106 -23.99 -4.09 7.94
N LEU B 107 -23.92 -3.04 7.12
CA LEU B 107 -23.14 -1.86 7.43
C LEU B 107 -24.05 -0.64 7.60
N LYS B 108 -23.75 0.20 8.58
CA LYS B 108 -24.52 1.43 8.76
C LYS B 108 -23.66 2.56 9.33
N PHE B 109 -23.68 3.70 8.65
CA PHE B 109 -23.05 4.91 9.15
C PHE B 109 -23.99 5.61 10.12
N HIS B 110 -23.46 6.05 11.24
CA HIS B 110 -24.23 6.79 12.24
C HIS B 110 -23.61 8.16 12.37
N THR B 111 -24.28 9.18 11.86
CA THR B 111 -23.72 10.53 11.82
C THR B 111 -24.10 11.37 13.04
N ASN B 112 -25.18 11.02 13.71
CA ASN B 112 -25.52 11.66 14.98
C ASN B 112 -24.34 11.58 15.95
N THR B 113 -24.00 12.71 16.57
CA THR B 113 -22.88 12.76 17.51
C THR B 113 -23.15 11.90 18.75
N ASP B 114 -24.38 11.46 18.89
CA ASP B 114 -24.80 10.67 20.07
C ASP B 114 -24.29 9.24 20.01
N ASP B 115 -24.37 8.54 21.14
CA ASP B 115 -23.98 7.14 21.22
C ASP B 115 -24.92 6.28 20.38
N VAL B 116 -24.36 5.27 19.72
CA VAL B 116 -25.16 4.31 18.99
C VAL B 116 -26.00 3.47 19.96
N ASP B 117 -27.29 3.31 19.67
CA ASP B 117 -28.18 2.51 20.49
C ASP B 117 -28.09 1.04 20.07
N LYS B 118 -27.14 0.33 20.66
CA LYS B 118 -26.78 -1.02 20.20
C LYS B 118 -27.89 -2.06 20.27
N GLU B 119 -28.71 -1.99 21.31
CA GLU B 119 -29.79 -2.95 21.50
C GLU B 119 -30.85 -2.78 20.42
N GLN B 120 -31.26 -1.53 20.19
CA GLN B 120 -32.20 -1.22 19.12
C GLN B 120 -31.62 -1.62 17.76
N LEU B 121 -30.34 -1.35 17.55
CA LEU B 121 -29.68 -1.67 16.29
C LEU B 121 -29.71 -3.18 16.01
N ARG B 122 -29.37 -3.97 17.02
CA ARG B 122 -29.44 -5.42 16.90
C ARG B 122 -30.88 -5.89 16.65
N THR B 123 -31.83 -5.22 17.28
CA THR B 123 -33.23 -5.59 17.09
C THR B 123 -33.68 -5.29 15.66
N ILE B 124 -33.26 -4.15 15.14
CA ILE B 124 -33.60 -3.77 13.77
C ILE B 124 -32.99 -4.75 12.77
N MET B 125 -31.72 -5.07 12.95
CA MET B 125 -31.03 -5.98 12.04
C MET B 125 -31.68 -7.36 12.00
N THR B 126 -32.04 -7.88 13.17
CA THR B 126 -32.61 -9.23 13.20
C THR B 126 -34.05 -9.26 12.69
N SER B 127 -34.71 -8.10 12.66
CA SER B 127 -36.05 -8.03 12.09
C SER B 127 -35.97 -7.98 10.56
N ILE B 128 -34.78 -7.65 10.05
CA ILE B 128 -34.57 -7.57 8.62
C ILE B 128 -33.97 -8.85 8.09
N VAL B 129 -32.97 -9.34 8.81
CA VAL B 129 -32.17 -10.47 8.34
C VAL B 129 -32.60 -11.77 9.00
N LYS B 130 -32.95 -12.75 8.17
CA LYS B 130 -33.22 -14.09 8.66
C LYS B 130 -31.95 -14.91 8.51
N GLY B 131 -31.18 -14.99 9.59
CA GLY B 131 -29.88 -15.62 9.58
C GLY B 131 -29.22 -15.47 10.93
N GLN B 132 -28.02 -16.01 11.07
CA GLN B 132 -27.34 -16.09 12.36
C GLN B 132 -26.14 -15.17 12.40
N GLU B 133 -26.17 -14.21 13.31
CA GLU B 133 -25.03 -13.29 13.45
C GLU B 133 -23.84 -14.00 14.06
N ILE B 134 -22.68 -13.76 13.48
CA ILE B 134 -21.43 -14.21 14.06
C ILE B 134 -20.54 -12.99 14.20
N GLU B 135 -19.44 -13.12 14.91
CA GLU B 135 -18.56 -11.98 15.15
C GLU B 135 -17.97 -11.41 13.85
N PHE B 136 -18.03 -10.10 13.70
CA PHE B 136 -17.32 -9.43 12.61
C PHE B 136 -15.83 -9.36 12.93
N ASN B 137 -15.05 -10.29 12.38
CA ASN B 137 -13.62 -10.35 12.59
C ASN B 137 -12.96 -11.09 11.43
N ASP B 138 -11.63 -11.09 11.38
CA ASP B 138 -10.94 -11.69 10.25
C ASP B 138 -11.09 -13.21 10.20
N ASP B 139 -11.18 -13.84 11.37
CA ASP B 139 -11.43 -15.28 11.42
C ASP B 139 -12.70 -15.67 10.66
N ASN B 140 -13.79 -14.95 10.90
CA ASN B 140 -15.04 -15.25 10.19
C ASN B 140 -15.08 -14.75 8.75
N LEU B 141 -14.46 -13.61 8.48
CA LEU B 141 -14.37 -13.13 7.09
C LEU B 141 -13.57 -14.08 6.21
N SER B 142 -12.56 -14.74 6.78
CA SER B 142 -11.76 -15.65 5.98
C SER B 142 -12.53 -16.91 5.57
N ARG B 143 -13.69 -17.14 6.16
CA ARG B 143 -14.50 -18.29 5.77
C ARG B 143 -15.20 -18.07 4.44
N PHE B 144 -15.59 -16.83 4.18
CA PHE B 144 -16.59 -16.59 3.14
C PHE B 144 -16.12 -15.86 1.89
N TYR B 145 -14.91 -15.31 1.88
CA TYR B 145 -14.46 -14.62 0.67
C TYR B 145 -14.13 -15.62 -0.44
N ASP B 146 -14.36 -15.20 -1.68
CA ASP B 146 -14.13 -16.06 -2.84
C ASP B 146 -12.95 -15.48 -3.63
N GLU B 147 -11.76 -16.05 -3.45
CA GLU B 147 -10.57 -15.47 -4.08
C GLU B 147 -10.71 -15.39 -5.60
N ALA B 148 -11.23 -16.44 -6.22
CA ALA B 148 -11.36 -16.46 -7.67
C ALA B 148 -12.22 -15.30 -8.18
N LEU B 149 -13.36 -15.09 -7.53
CA LEU B 149 -14.24 -13.99 -7.87
C LEU B 149 -13.56 -12.63 -7.64
N ILE B 150 -12.90 -12.52 -6.50
CA ILE B 150 -12.14 -11.31 -6.15
C ILE B 150 -11.11 -10.98 -7.25
N ARG B 151 -10.33 -11.98 -7.65
CA ARG B 151 -9.34 -11.77 -8.71
C ARG B 151 -9.97 -11.27 -10.01
N LYS B 152 -11.16 -11.77 -10.32
CA LYS B 152 -11.84 -11.39 -11.54
C LYS B 152 -12.35 -9.95 -11.44
N ILE B 153 -13.02 -9.64 -10.33
CA ILE B 153 -13.60 -8.33 -10.12
C ILE B 153 -12.55 -7.23 -9.97
N TYR B 154 -11.50 -7.50 -9.21
CA TYR B 154 -10.43 -6.52 -9.00
C TYR B 154 -9.34 -6.62 -10.08
N LYS B 155 -9.57 -7.48 -11.07
CA LYS B 155 -8.66 -7.61 -12.21
C LYS B 155 -7.21 -7.88 -11.83
N LEU B 156 -7.01 -8.84 -10.95
CA LEU B 156 -5.67 -9.24 -10.51
C LEU B 156 -5.08 -10.29 -11.42
N SER B 157 -3.80 -10.16 -11.74
CA SER B 157 -3.12 -11.09 -12.64
C SER B 157 -2.80 -12.43 -11.97
N ASP B 158 -2.81 -13.50 -12.76
CA ASP B 158 -2.47 -14.83 -12.26
C ASP B 158 -1.04 -14.88 -11.73
N ASP B 159 -0.21 -13.96 -12.20
CA ASP B 159 1.18 -13.85 -11.74
C ASP B 159 1.25 -13.38 -10.29
N PHE B 160 0.21 -12.69 -9.84
CA PHE B 160 0.15 -12.24 -8.45
C PHE B 160 -0.27 -13.38 -7.55
N LYS B 161 0.66 -13.85 -6.73
CA LYS B 161 0.41 -15.03 -5.90
C LYS B 161 0.76 -14.76 -4.45
N PRO B 162 -0.13 -14.04 -3.75
CA PRO B 162 0.07 -13.73 -2.33
C PRO B 162 0.10 -15.01 -1.51
N GLN B 163 0.99 -15.08 -0.53
CA GLN B 163 1.12 -16.26 0.31
C GLN B 163 -0.04 -16.43 1.30
N ASP B 164 -0.71 -15.33 1.62
CA ASP B 164 -1.78 -15.38 2.62
C ASP B 164 -2.81 -14.29 2.40
N VAL B 165 -3.83 -14.25 3.25
CA VAL B 165 -4.91 -13.30 3.09
C VAL B 165 -4.41 -11.86 3.23
N ASN B 166 -3.43 -11.65 4.10
CA ASN B 166 -2.84 -10.31 4.25
C ASN B 166 -2.32 -9.81 2.91
N GLY B 167 -1.71 -10.71 2.14
CA GLY B 167 -1.17 -10.35 0.84
C GLY B 167 -2.27 -9.99 -0.16
N LEU B 168 -3.35 -10.76 -0.14
CA LEU B 168 -4.48 -10.49 -1.00
C LEU B 168 -5.12 -9.17 -0.58
N SER B 169 -5.34 -9.01 0.72
CA SER B 169 -5.96 -7.81 1.24
C SER B 169 -5.21 -6.55 0.78
N ARG B 170 -3.89 -6.60 0.82
CA ARG B 170 -3.07 -5.46 0.43
C ARG B 170 -3.36 -5.00 -1.00
N ALA B 171 -3.52 -5.95 -1.92
CA ALA B 171 -3.85 -5.61 -3.31
C ALA B 171 -5.23 -4.96 -3.44
N LEU B 172 -6.18 -5.41 -2.63
CA LEU B 172 -7.53 -4.85 -2.70
C LEU B 172 -7.58 -3.43 -2.12
N VAL B 173 -6.90 -3.23 -0.99
CA VAL B 173 -6.77 -1.90 -0.42
C VAL B 173 -6.14 -0.93 -1.43
N ASP B 174 -5.09 -1.38 -2.10
CA ASP B 174 -4.47 -0.60 -3.18
C ASP B 174 -5.52 -0.12 -4.19
N ALA B 175 -6.34 -1.05 -4.67
CA ALA B 175 -7.35 -0.73 -5.68
C ALA B 175 -8.39 0.24 -5.13
N ILE B 176 -8.79 0.02 -3.88
CA ILE B 176 -9.73 0.91 -3.21
C ILE B 176 -9.17 2.33 -3.03
N GLN B 177 -7.92 2.41 -2.57
CA GLN B 177 -7.32 3.73 -2.30
C GLN B 177 -7.04 4.53 -3.56
N LEU B 178 -6.88 3.85 -4.70
CA LEU B 178 -6.54 4.54 -5.93
C LEU B 178 -7.77 5.07 -6.67
N ARG B 179 -8.93 4.90 -6.02
CA ARG B 179 -10.18 5.57 -6.38
C ARG B 179 -11.39 4.64 -6.33
#